data_5HIK
#
_entry.id   5HIK
#
_cell.length_a   51.906
_cell.length_b   120.970
_cell.length_c   131.789
_cell.angle_alpha   90.00
_cell.angle_beta   90.00
_cell.angle_gamma   90.00
#
_symmetry.space_group_name_H-M   'I 2 2 2'
#
loop_
_entity.id
_entity.type
_entity.pdbx_description
1 polymer 'Glycine sarcosine N-methyltransferase'
2 non-polymer S-ADENOSYLMETHIONINE
3 non-polymer 1,2-ETHANEDIOL
4 water water
#
_entity_poly.entity_id   1
_entity_poly.type   'polypeptide(L)'
_entity_poly.pdbx_seq_one_letter_code
;MGSSHHHHHHSSGLVPRGSHMMNQYGKQDFGDNPIEVRESDHYEEEYVLGFVDKWDELIDWESRAESEGDTIINILKERG
VKKVLDVATGTGFNSVRLLQAGFDVVSADGSAEMLVKAFDNARDHGYLMRTVQADWRWMNKDIHDKFDAIVCLGNSFTHL
FDEGDRRKALAEFYALLKHDGVLLLDQRNYDAILDDGYSSKHAHYYCGDTVSVYPEHVDEGLARFKYEFSDGSVYNLNMF
PLRKDYTRQLLHEVGFQEINTLGDFKETYKEDEPDFFLHVAEKN
;
_entity_poly.pdbx_strand_id   A
#
loop_
_chem_comp.id
_chem_comp.type
_chem_comp.name
_chem_comp.formula
EDO non-polymer 1,2-ETHANEDIOL 'C2 H6 O2'
SAM non-polymer S-ADENOSYLMETHIONINE 'C15 H22 N6 O5 S'
#
# COMPACT_ATOMS: atom_id res chain seq x y z
N HIS A 42 -12.48 -12.08 -15.38
CA HIS A 42 -13.43 -11.04 -15.01
C HIS A 42 -13.00 -9.68 -15.47
N TYR A 43 -14.00 -8.84 -15.74
CA TYR A 43 -13.77 -7.49 -16.22
C TYR A 43 -13.10 -6.65 -15.14
N GLU A 44 -13.46 -6.90 -13.89
CA GLU A 44 -12.93 -6.13 -12.77
C GLU A 44 -11.41 -6.29 -12.66
N GLU A 45 -10.91 -7.49 -12.93
CA GLU A 45 -9.47 -7.73 -12.93
C GLU A 45 -8.82 -6.98 -14.11
N GLU A 46 -9.43 -7.09 -15.29
CA GLU A 46 -8.89 -6.44 -16.48
C GLU A 46 -8.94 -4.92 -16.32
N TYR A 47 -9.99 -4.43 -15.67
CA TYR A 47 -10.17 -3.00 -15.46
C TYR A 47 -9.06 -2.45 -14.59
N VAL A 48 -8.81 -3.08 -13.45
CA VAL A 48 -7.74 -2.67 -12.56
C VAL A 48 -6.37 -2.83 -13.25
N LEU A 49 -6.21 -3.86 -14.08
CA LEU A 49 -4.93 -4.07 -14.74
C LEU A 49 -4.68 -2.94 -15.75
N GLY A 50 -5.74 -2.48 -16.42
CA GLY A 50 -5.60 -1.32 -17.29
C GLY A 50 -5.22 -0.07 -16.50
N PHE A 51 -5.75 0.04 -15.29
CA PHE A 51 -5.46 1.17 -14.42
C PHE A 51 -3.98 1.21 -14.05
N VAL A 52 -3.41 0.09 -13.57
CA VAL A 52 -2.01 0.16 -13.14
C VAL A 52 -1.08 0.33 -14.35
N ASP A 53 -1.47 -0.17 -15.52
CA ASP A 53 -0.71 0.06 -16.73
C ASP A 53 -0.62 1.55 -17.03
N LYS A 54 -1.75 2.25 -16.90
CA LYS A 54 -1.78 3.67 -17.16
C LYS A 54 -0.96 4.40 -16.10
N TRP A 55 -1.06 3.94 -14.85
CA TRP A 55 -0.28 4.53 -13.77
C TRP A 55 1.23 4.47 -14.09
N ASP A 56 1.72 3.26 -14.39
CA ASP A 56 3.14 3.03 -14.72
C ASP A 56 3.58 3.72 -16.02
N GLU A 57 2.68 3.83 -16.98
CA GLU A 57 3.00 4.47 -18.24
C GLU A 57 3.36 5.94 -17.99
N LEU A 58 2.56 6.63 -17.19
CA LEU A 58 2.65 8.09 -17.05
C LEU A 58 3.45 8.57 -15.85
N ILE A 59 3.64 7.72 -14.86
CA ILE A 59 4.32 8.12 -13.65
C ILE A 59 5.64 7.37 -13.50
N ASP A 60 6.70 8.12 -13.67
CA ASP A 60 8.09 7.69 -13.56
C ASP A 60 8.40 7.21 -12.14
N TRP A 61 9.00 6.04 -12.00
CA TRP A 61 9.37 5.56 -10.67
C TRP A 61 10.45 6.45 -10.01
N GLU A 62 11.36 7.00 -10.80
CA GLU A 62 12.31 7.97 -10.25
C GLU A 62 11.56 9.14 -9.60
N SER A 63 10.59 9.72 -10.31
CA SER A 63 9.78 10.81 -9.78
C SER A 63 9.12 10.42 -8.48
N ARG A 64 8.53 9.23 -8.48
CA ARG A 64 7.78 8.76 -7.34
C ARG A 64 8.69 8.53 -6.14
N ALA A 65 9.87 7.96 -6.40
CA ALA A 65 10.86 7.71 -5.35
C ALA A 65 11.36 9.02 -4.76
N GLU A 66 11.51 10.05 -5.58
CA GLU A 66 11.84 11.39 -5.10
C GLU A 66 10.78 11.87 -4.11
N SER A 67 9.52 11.84 -4.56
CA SER A 67 8.38 12.31 -3.77
C SER A 67 8.26 11.58 -2.44
N GLU A 68 7.99 10.28 -2.50
CA GLU A 68 8.03 9.46 -1.29
C GLU A 68 9.38 9.70 -0.63
N GLY A 69 9.38 9.83 0.69
CA GLY A 69 10.64 10.13 1.35
C GLY A 69 11.60 8.96 1.30
N ASP A 70 12.62 9.04 2.15
CA ASP A 70 13.39 7.86 2.52
C ASP A 70 12.93 7.43 3.89
N THR A 71 11.76 7.93 4.28
CA THR A 71 11.24 7.72 5.62
C THR A 71 11.04 6.25 5.92
N ILE A 72 10.36 5.54 5.03
CA ILE A 72 10.10 4.13 5.27
C ILE A 72 11.39 3.32 5.30
N ILE A 73 12.29 3.57 4.35
CA ILE A 73 13.60 2.91 4.35
C ILE A 73 14.37 3.19 5.65
N ASN A 74 14.31 4.43 6.11
CA ASN A 74 15.01 4.82 7.33
C ASN A 74 14.41 4.16 8.56
N ILE A 75 13.09 4.05 8.58
CA ILE A 75 12.40 3.39 9.69
C ILE A 75 12.84 1.93 9.81
N LEU A 76 12.86 1.22 8.69
CA LEU A 76 13.33 -0.15 8.66
C LEU A 76 14.82 -0.27 9.04
N LYS A 77 15.65 0.66 8.56
CA LYS A 77 17.08 0.58 8.82
C LYS A 77 17.38 0.77 10.30
N GLU A 78 16.64 1.69 10.93
CA GLU A 78 16.84 1.98 12.35
C GLU A 78 16.52 0.77 13.22
N ARG A 79 15.73 -0.15 12.68
CA ARG A 79 15.34 -1.35 13.42
C ARG A 79 16.25 -2.53 13.12
N GLY A 80 17.24 -2.33 12.26
CA GLY A 80 18.11 -3.42 11.83
C GLY A 80 17.37 -4.47 11.02
N VAL A 81 16.31 -4.05 10.34
CA VAL A 81 15.53 -4.97 9.50
C VAL A 81 16.35 -5.52 8.33
N LYS A 82 16.28 -6.83 8.11
CA LYS A 82 16.93 -7.45 6.95
C LYS A 82 15.93 -8.12 6.01
N LYS A 83 15.11 -9.03 6.54
CA LYS A 83 14.11 -9.75 5.73
C LYS A 83 12.78 -8.99 5.72
N VAL A 84 12.35 -8.61 4.52
CA VAL A 84 11.10 -7.90 4.35
C VAL A 84 10.13 -8.68 3.47
N LEU A 85 8.86 -8.72 3.89
CA LEU A 85 7.80 -9.25 3.07
C LEU A 85 6.90 -8.12 2.57
N ASP A 86 6.81 -7.96 1.25
CA ASP A 86 5.88 -7.01 0.64
C ASP A 86 4.60 -7.77 0.29
N VAL A 87 3.49 -7.46 0.96
CA VAL A 87 2.28 -8.24 0.71
C VAL A 87 1.35 -7.58 -0.29
N ALA A 88 1.71 -6.38 -0.74
CA ALA A 88 0.91 -5.67 -1.72
C ALA A 88 1.80 -5.16 -2.85
N THR A 89 2.48 -6.08 -3.52
CA THR A 89 3.52 -5.71 -4.48
C THR A 89 3.01 -4.87 -5.66
N GLY A 90 1.81 -5.16 -6.14
CA GLY A 90 1.27 -4.47 -7.31
C GLY A 90 2.30 -4.57 -8.41
N THR A 91 2.69 -3.43 -9.00
CA THR A 91 3.66 -3.51 -10.09
C THR A 91 5.10 -3.37 -9.62
N GLY A 92 5.30 -3.34 -8.30
CA GLY A 92 6.63 -3.59 -7.75
C GLY A 92 7.41 -2.43 -7.19
N PHE A 93 6.84 -1.24 -7.20
CA PHE A 93 7.58 -0.04 -6.81
C PHE A 93 8.19 -0.16 -5.39
N ASN A 94 7.37 -0.51 -4.40
CA ASN A 94 7.88 -0.66 -3.02
C ASN A 94 8.98 -1.72 -2.95
N SER A 95 8.70 -2.87 -3.56
CA SER A 95 9.67 -3.97 -3.58
C SER A 95 10.98 -3.56 -4.21
N VAL A 96 10.92 -2.91 -5.36
CA VAL A 96 12.15 -2.52 -6.03
C VAL A 96 12.89 -1.47 -5.21
N ARG A 97 12.16 -0.54 -4.60
CA ARG A 97 12.77 0.44 -3.70
C ARG A 97 13.49 -0.25 -2.54
N LEU A 98 12.88 -1.30 -2.01
CA LEU A 98 13.50 -2.02 -0.89
C LEU A 98 14.70 -2.84 -1.37
N LEU A 99 14.58 -3.48 -2.53
CA LEU A 99 15.70 -4.23 -3.10
C LEU A 99 16.88 -3.30 -3.39
N GLN A 100 16.61 -2.14 -3.99
CA GLN A 100 17.66 -1.14 -4.24
C GLN A 100 18.32 -0.66 -2.94
N ALA A 101 17.59 -0.77 -1.82
CA ALA A 101 18.11 -0.27 -0.54
C ALA A 101 18.91 -1.36 0.16
N GLY A 102 18.87 -2.56 -0.40
CA GLY A 102 19.71 -3.65 0.07
C GLY A 102 18.99 -4.63 0.97
N PHE A 103 17.69 -4.47 1.14
CA PHE A 103 16.91 -5.42 1.93
C PHE A 103 16.75 -6.72 1.16
N ASP A 104 16.56 -7.81 1.90
CA ASP A 104 16.09 -9.05 1.32
C ASP A 104 14.58 -8.96 1.25
N VAL A 105 14.03 -9.06 0.05
CA VAL A 105 12.61 -8.85 -0.12
C VAL A 105 11.91 -10.07 -0.71
N VAL A 106 10.79 -10.45 -0.12
CA VAL A 106 9.85 -11.36 -0.76
C VAL A 106 8.62 -10.56 -1.21
N SER A 107 8.25 -10.71 -2.48
CA SER A 107 7.20 -9.90 -3.09
C SER A 107 5.97 -10.73 -3.35
N ALA A 108 4.96 -10.54 -2.50
CA ALA A 108 3.72 -11.28 -2.63
C ALA A 108 2.59 -10.38 -3.15
N ASP A 109 1.62 -11.02 -3.79
CA ASP A 109 0.43 -10.35 -4.25
C ASP A 109 -0.61 -11.43 -4.57
N GLY A 110 -1.88 -11.11 -4.38
CA GLY A 110 -2.93 -12.03 -4.76
C GLY A 110 -3.03 -12.21 -6.28
N SER A 111 -2.53 -11.25 -7.04
CA SER A 111 -2.71 -11.28 -8.49
C SER A 111 -1.48 -11.74 -9.25
N ALA A 112 -1.60 -12.85 -9.97
CA ALA A 112 -0.51 -13.39 -10.75
C ALA A 112 -0.08 -12.41 -11.84
N GLU A 113 -1.06 -11.71 -12.42
CA GLU A 113 -0.79 -10.74 -13.47
C GLU A 113 0.00 -9.53 -12.94
N MET A 114 -0.31 -9.08 -11.72
CA MET A 114 0.45 -7.99 -11.09
C MET A 114 1.90 -8.42 -10.90
N LEU A 115 2.07 -9.63 -10.38
CA LEU A 115 3.39 -10.17 -10.11
C LEU A 115 4.26 -10.28 -11.36
N VAL A 116 3.65 -10.63 -12.49
CA VAL A 116 4.40 -10.65 -13.75
C VAL A 116 4.90 -9.23 -14.10
N LYS A 117 4.04 -8.23 -13.94
CA LYS A 117 4.43 -6.85 -14.17
C LYS A 117 5.54 -6.43 -13.21
N ALA A 118 5.42 -6.85 -11.95
CA ALA A 118 6.41 -6.52 -10.93
C ALA A 118 7.77 -7.15 -11.23
N PHE A 119 7.77 -8.42 -11.61
CA PHE A 119 9.01 -9.12 -11.89
C PHE A 119 9.74 -8.45 -13.05
N ASP A 120 9.00 -8.11 -14.10
CA ASP A 120 9.61 -7.50 -15.27
C ASP A 120 10.05 -6.06 -15.00
N ASN A 121 9.31 -5.35 -14.16
CA ASN A 121 9.78 -4.01 -13.76
C ASN A 121 11.07 -4.11 -12.93
N ALA A 122 11.15 -5.13 -12.07
CA ALA A 122 12.34 -5.28 -11.22
C ALA A 122 13.53 -5.63 -12.10
N ARG A 123 13.28 -6.52 -13.06
CA ARG A 123 14.27 -6.95 -14.02
C ARG A 123 14.85 -5.74 -14.76
N ASP A 124 13.96 -4.86 -15.24
CA ASP A 124 14.37 -3.62 -15.93
C ASP A 124 15.24 -2.70 -15.06
N HIS A 125 15.03 -2.72 -13.75
CA HIS A 125 15.88 -1.93 -12.85
C HIS A 125 17.08 -2.73 -12.38
N GLY A 126 17.25 -3.92 -12.93
CA GLY A 126 18.41 -4.74 -12.66
C GLY A 126 18.34 -5.62 -11.42
N TYR A 127 17.14 -6.00 -11.00
CA TYR A 127 16.99 -6.84 -9.81
C TYR A 127 16.16 -8.07 -10.10
N LEU A 128 16.54 -9.17 -9.46
CA LEU A 128 15.76 -10.39 -9.49
C LEU A 128 14.70 -10.35 -8.37
N MET A 129 13.44 -10.24 -8.75
CA MET A 129 12.39 -10.26 -7.75
C MET A 129 12.09 -11.69 -7.33
N ARG A 130 11.71 -11.89 -6.07
CA ARG A 130 11.22 -13.18 -5.63
C ARG A 130 9.71 -13.12 -5.41
N THR A 131 8.95 -13.64 -6.36
CA THR A 131 7.49 -13.46 -6.34
C THR A 131 6.76 -14.66 -5.77
N VAL A 132 5.66 -14.39 -5.07
CA VAL A 132 4.79 -15.43 -4.54
C VAL A 132 3.34 -14.98 -4.64
N GLN A 133 2.51 -15.78 -5.28
CA GLN A 133 1.10 -15.47 -5.33
C GLN A 133 0.48 -15.95 -4.03
N ALA A 134 -0.24 -15.07 -3.33
CA ALA A 134 -0.79 -15.40 -2.01
C ALA A 134 -1.92 -14.48 -1.66
N ASP A 135 -3.01 -15.04 -1.14
CA ASP A 135 -4.08 -14.21 -0.62
C ASP A 135 -3.78 -13.82 0.83
N TRP A 136 -3.98 -12.54 1.15
CA TRP A 136 -3.81 -12.04 2.52
C TRP A 136 -4.48 -12.90 3.61
N ARG A 137 -5.60 -13.52 3.26
CA ARG A 137 -6.42 -14.25 4.22
C ARG A 137 -5.86 -15.61 4.55
N TRP A 138 -4.88 -16.06 3.77
CA TRP A 138 -4.19 -17.33 4.02
C TRP A 138 -2.76 -17.20 3.54
N MET A 139 -2.06 -16.17 4.02
CA MET A 139 -0.70 -15.87 3.59
C MET A 139 0.29 -17.01 3.85
N ASN A 140 0.13 -17.70 4.97
CA ASN A 140 1.12 -18.72 5.34
C ASN A 140 0.95 -20.03 4.57
N LYS A 141 0.02 -20.05 3.62
CA LYS A 141 -0.19 -21.18 2.71
C LYS A 141 1.06 -21.51 1.87
N ASP A 142 1.68 -20.47 1.32
CA ASP A 142 2.84 -20.69 0.47
C ASP A 142 4.05 -19.86 0.89
N ILE A 143 3.91 -19.16 2.02
CA ILE A 143 5.06 -18.47 2.60
C ILE A 143 5.46 -19.13 3.91
N HIS A 144 6.65 -19.74 3.92
CA HIS A 144 7.06 -20.60 5.02
C HIS A 144 8.22 -20.05 5.80
N ASP A 145 8.40 -18.73 5.80
CA ASP A 145 9.42 -18.11 6.62
C ASP A 145 8.82 -16.96 7.42
N LYS A 146 9.58 -16.44 8.38
CA LYS A 146 9.14 -15.28 9.16
C LYS A 146 10.00 -14.08 8.78
N PHE A 147 9.49 -12.87 9.01
CA PHE A 147 10.15 -11.66 8.51
C PHE A 147 10.41 -10.60 9.58
N ASP A 148 11.41 -9.75 9.34
CA ASP A 148 11.65 -8.62 10.24
C ASP A 148 10.60 -7.52 10.03
N ALA A 149 10.04 -7.45 8.82
CA ALA A 149 9.06 -6.42 8.52
C ALA A 149 8.11 -6.84 7.42
N ILE A 150 6.90 -6.31 7.49
CA ILE A 150 5.94 -6.46 6.42
C ILE A 150 5.54 -5.08 5.96
N VAL A 151 5.43 -4.88 4.65
CA VAL A 151 4.96 -3.61 4.13
C VAL A 151 3.70 -3.84 3.33
N CYS A 152 2.70 -3.03 3.64
CA CYS A 152 1.41 -3.06 3.00
C CYS A 152 1.09 -1.63 2.63
N LEU A 153 1.74 -1.15 1.57
CA LEU A 153 1.72 0.27 1.19
C LEU A 153 0.91 0.57 -0.06
N GLY A 154 0.75 1.86 -0.35
CA GLY A 154 0.01 2.30 -1.51
C GLY A 154 -1.50 2.25 -1.37
N ASN A 155 -1.99 2.30 -0.13
CA ASN A 155 -3.43 2.28 0.13
C ASN A 155 -4.00 0.99 -0.42
N SER A 156 -3.59 -0.12 0.18
CA SER A 156 -3.93 -1.46 -0.30
C SER A 156 -4.95 -2.12 0.59
N PHE A 157 -4.72 -2.02 1.90
CA PHE A 157 -5.56 -2.68 2.90
C PHE A 157 -7.03 -2.24 2.77
N THR A 158 -7.23 -1.02 2.27
CA THR A 158 -8.53 -0.42 1.99
C THR A 158 -9.42 -1.24 1.03
N HIS A 159 -8.82 -2.19 0.31
CA HIS A 159 -9.59 -2.94 -0.67
C HIS A 159 -10.43 -4.08 -0.07
N LEU A 160 -10.26 -4.35 1.22
CA LEU A 160 -11.13 -5.30 1.90
C LEU A 160 -12.44 -4.66 2.36
N PHE A 161 -13.59 -5.21 1.97
CA PHE A 161 -14.88 -4.64 2.39
C PHE A 161 -15.52 -5.35 3.60
N ASP A 162 -14.95 -6.48 4.02
CA ASP A 162 -15.50 -7.23 5.14
C ASP A 162 -14.61 -7.20 6.37
N GLU A 163 -15.21 -6.97 7.55
CA GLU A 163 -14.41 -6.85 8.77
C GLU A 163 -13.71 -8.16 9.14
N GLY A 164 -14.37 -9.29 8.87
CA GLY A 164 -13.80 -10.60 9.15
C GLY A 164 -12.55 -10.82 8.33
N ASP A 165 -12.62 -10.46 7.06
CA ASP A 165 -11.45 -10.45 6.19
C ASP A 165 -10.32 -9.56 6.70
N ARG A 166 -10.66 -8.37 7.23
CA ARG A 166 -9.65 -7.44 7.72
C ARG A 166 -8.90 -8.04 8.89
N ARG A 167 -9.64 -8.65 9.83
CA ARG A 167 -9.03 -9.30 10.98
C ARG A 167 -8.15 -10.45 10.54
N LYS A 168 -8.65 -11.24 9.60
CA LYS A 168 -7.92 -12.39 9.08
C LYS A 168 -6.59 -11.95 8.47
N ALA A 169 -6.66 -10.95 7.59
CA ALA A 169 -5.47 -10.45 6.91
C ALA A 169 -4.45 -9.98 7.92
N LEU A 170 -4.93 -9.25 8.92
CA LEU A 170 -4.00 -8.71 9.91
C LEU A 170 -3.40 -9.82 10.81
N ALA A 171 -4.20 -10.83 11.15
CA ALA A 171 -3.68 -11.97 11.93
C ALA A 171 -2.61 -12.75 11.13
N GLU A 172 -2.89 -12.99 9.86
CA GLU A 172 -1.90 -13.60 8.97
C GLU A 172 -0.59 -12.79 8.97
N PHE A 173 -0.68 -11.47 8.84
CA PHE A 173 0.52 -10.63 8.81
C PHE A 173 1.26 -10.75 10.14
N TYR A 174 0.49 -10.72 11.22
CA TYR A 174 1.04 -10.79 12.55
C TYR A 174 1.84 -12.09 12.75
N ALA A 175 1.34 -13.19 12.19
CA ALA A 175 1.99 -14.49 12.38
C ALA A 175 3.23 -14.61 11.51
N LEU A 176 3.31 -13.81 10.46
CA LEU A 176 4.47 -13.88 9.56
C LEU A 176 5.64 -13.06 10.09
N LEU A 177 5.40 -12.28 11.14
CA LEU A 177 6.45 -11.45 11.71
C LEU A 177 7.23 -12.18 12.77
N LYS A 178 8.54 -11.98 12.81
CA LYS A 178 9.34 -12.43 13.94
C LYS A 178 8.83 -11.74 15.21
N HIS A 179 9.25 -12.25 16.36
CA HIS A 179 8.82 -11.71 17.65
C HIS A 179 8.99 -10.21 17.74
N ASP A 180 10.11 -9.70 17.22
CA ASP A 180 10.40 -8.29 17.28
C ASP A 180 10.16 -7.60 15.93
N GLY A 181 9.26 -8.16 15.14
CA GLY A 181 8.98 -7.65 13.81
C GLY A 181 8.05 -6.46 13.78
N VAL A 182 7.87 -5.87 12.60
CA VAL A 182 7.06 -4.67 12.47
C VAL A 182 6.21 -4.67 11.19
N LEU A 183 4.98 -4.18 11.32
CA LEU A 183 4.08 -4.01 10.18
C LEU A 183 4.00 -2.55 9.76
N LEU A 184 4.25 -2.26 8.48
CA LEU A 184 4.05 -0.92 7.97
C LEU A 184 2.86 -0.97 7.05
N LEU A 185 1.80 -0.24 7.41
CA LEU A 185 0.53 -0.30 6.69
C LEU A 185 0.01 1.10 6.49
N ASP A 186 -0.26 1.48 5.25
CA ASP A 186 -0.73 2.84 5.02
C ASP A 186 -2.16 2.84 4.48
N GLN A 187 -2.74 4.02 4.39
CA GLN A 187 -4.12 4.22 3.95
C GLN A 187 -4.31 5.68 3.65
N ARG A 188 -5.27 6.00 2.79
CA ARG A 188 -5.69 7.39 2.67
C ARG A 188 -6.32 7.88 3.96
N ASN A 189 -6.25 9.19 4.15
CA ASN A 189 -6.99 9.87 5.20
C ASN A 189 -8.46 9.98 4.82
N TYR A 190 -9.27 8.98 5.17
CA TYR A 190 -10.69 9.03 4.88
C TYR A 190 -11.47 9.90 5.89
N ASP A 191 -10.90 10.10 7.07
CA ASP A 191 -11.55 10.90 8.13
C ASP A 191 -11.82 12.30 7.64
N ALA A 192 -10.88 12.85 6.86
CA ALA A 192 -11.00 14.21 6.36
C ALA A 192 -12.19 14.32 5.42
N ILE A 193 -12.39 13.28 4.63
CA ILE A 193 -13.50 13.27 3.69
C ILE A 193 -14.82 13.04 4.40
N LEU A 194 -14.86 12.06 5.32
CA LEU A 194 -16.09 11.69 6.01
C LEU A 194 -16.66 12.81 6.87
N ASP A 195 -15.83 13.74 7.30
CA ASP A 195 -16.27 14.79 8.22
C ASP A 195 -16.56 16.12 7.53
N ASP A 196 -16.00 16.33 6.34
CA ASP A 196 -16.25 17.56 5.59
C ASP A 196 -16.98 17.28 4.27
N SER A 200 -13.65 19.16 1.71
CA SER A 200 -12.97 17.90 1.41
C SER A 200 -13.32 17.37 0.02
N LYS A 201 -14.36 17.94 -0.59
CA LYS A 201 -14.88 17.47 -1.87
C LYS A 201 -14.18 18.16 -3.05
N HIS A 202 -12.92 17.80 -3.28
CA HIS A 202 -12.12 18.36 -4.37
C HIS A 202 -11.10 17.33 -4.84
N ALA A 203 -10.46 17.59 -5.98
CA ALA A 203 -9.45 16.65 -6.47
C ALA A 203 -8.12 16.79 -5.71
N HIS A 204 -7.41 15.67 -5.61
CA HIS A 204 -6.04 15.61 -5.11
C HIS A 204 -5.13 15.21 -6.26
N TYR A 205 -4.00 15.90 -6.40
CA TYR A 205 -3.10 15.64 -7.51
C TYR A 205 -1.82 14.94 -7.05
N TYR A 206 -1.26 14.11 -7.92
CA TYR A 206 -0.02 13.36 -7.59
C TYR A 206 0.95 13.41 -8.76
N CYS A 207 2.24 13.39 -8.41
CA CYS A 207 3.32 13.58 -9.37
CA CYS A 207 3.32 13.59 -9.39
C CYS A 207 3.00 14.78 -10.27
N GLY A 208 3.06 15.97 -9.67
CA GLY A 208 2.67 17.18 -10.37
C GLY A 208 1.18 17.10 -10.63
N ASP A 209 0.80 17.27 -11.90
CA ASP A 209 -0.60 17.18 -12.28
C ASP A 209 -0.86 15.95 -13.15
N THR A 210 0.00 14.94 -13.04
CA THR A 210 -0.12 13.77 -13.90
C THR A 210 -1.41 12.99 -13.62
N VAL A 211 -1.79 12.86 -12.35
CA VAL A 211 -3.09 12.24 -12.05
C VAL A 211 -3.82 12.98 -10.94
N SER A 212 -5.13 13.10 -11.09
CA SER A 212 -5.96 13.65 -10.03
C SER A 212 -6.90 12.58 -9.49
N VAL A 213 -7.13 12.63 -8.19
CA VAL A 213 -7.98 11.69 -7.48
C VAL A 213 -9.11 12.47 -6.81
N TYR A 214 -10.34 12.18 -7.21
CA TYR A 214 -11.50 12.94 -6.76
C TYR A 214 -12.52 12.01 -6.09
N PRO A 215 -13.01 12.38 -4.89
CA PRO A 215 -14.00 11.52 -4.24
C PRO A 215 -15.41 11.69 -4.84
N GLU A 216 -15.85 10.73 -5.63
CA GLU A 216 -17.17 10.85 -6.28
C GLU A 216 -18.28 10.54 -5.30
N HIS A 217 -18.02 9.57 -4.43
CA HIS A 217 -19.00 9.13 -3.46
C HIS A 217 -18.31 8.57 -2.24
N VAL A 218 -18.67 9.09 -1.08
CA VAL A 218 -18.07 8.60 0.15
C VAL A 218 -19.11 8.53 1.25
N ASP A 219 -19.38 7.32 1.73
CA ASP A 219 -20.14 7.14 2.95
C ASP A 219 -19.30 6.23 3.83
N GLU A 220 -19.83 5.82 4.97
CA GLU A 220 -19.01 5.12 5.93
C GLU A 220 -18.64 3.72 5.47
N GLY A 221 -19.37 3.18 4.51
CA GLY A 221 -19.05 1.86 4.00
C GLY A 221 -18.44 1.79 2.61
N LEU A 222 -18.28 2.94 1.94
CA LEU A 222 -17.79 2.95 0.55
C LEU A 222 -17.24 4.31 0.13
N ALA A 223 -16.07 4.30 -0.47
CA ALA A 223 -15.52 5.48 -1.10
C ALA A 223 -15.31 5.12 -2.56
N ARG A 224 -15.85 5.93 -3.46
CA ARG A 224 -15.56 5.73 -4.86
C ARG A 224 -14.81 6.93 -5.37
N PHE A 225 -13.61 6.70 -5.89
CA PHE A 225 -12.75 7.74 -6.41
C PHE A 225 -12.69 7.72 -7.93
N LYS A 226 -12.63 8.90 -8.52
CA LYS A 226 -12.36 9.06 -9.94
C LYS A 226 -10.89 9.41 -10.10
N TYR A 227 -10.17 8.61 -10.88
CA TYR A 227 -8.78 8.88 -11.19
C TYR A 227 -8.72 9.37 -12.62
N GLU A 228 -8.21 10.58 -12.80
CA GLU A 228 -8.04 11.17 -14.11
C GLU A 228 -6.58 11.47 -14.39
N PHE A 229 -6.08 10.92 -15.49
CA PHE A 229 -4.70 11.11 -15.87
C PHE A 229 -4.51 12.26 -16.86
N SER A 230 -3.28 12.74 -16.98
CA SER A 230 -3.00 13.89 -17.85
C SER A 230 -3.36 13.65 -19.31
N ASP A 231 -3.48 12.38 -19.74
CA ASP A 231 -3.76 12.09 -21.15
C ASP A 231 -5.25 11.95 -21.43
N GLY A 232 -6.08 12.25 -20.44
CA GLY A 232 -7.51 12.11 -20.59
C GLY A 232 -8.09 10.84 -19.99
N SER A 233 -7.25 9.85 -19.71
CA SER A 233 -7.74 8.57 -19.17
C SER A 233 -8.44 8.74 -17.83
N VAL A 234 -9.60 8.12 -17.71
CA VAL A 234 -10.36 8.13 -16.48
C VAL A 234 -10.61 6.71 -15.99
N TYR A 235 -10.37 6.46 -14.70
CA TYR A 235 -10.72 5.19 -14.06
C TYR A 235 -11.47 5.47 -12.75
N ASN A 236 -12.43 4.62 -12.41
CA ASN A 236 -13.18 4.78 -11.18
C ASN A 236 -13.03 3.52 -10.35
N LEU A 237 -12.66 3.69 -9.09
CA LEU A 237 -12.37 2.56 -8.20
C LEU A 237 -13.07 2.67 -6.87
N ASN A 238 -13.48 1.52 -6.35
CA ASN A 238 -14.14 1.41 -5.06
C ASN A 238 -13.17 0.95 -4.02
N MET A 239 -13.24 1.55 -2.83
CA MET A 239 -12.50 1.02 -1.70
C MET A 239 -13.26 1.30 -0.42
N PHE A 240 -12.80 0.71 0.68
CA PHE A 240 -13.44 0.88 1.97
C PHE A 240 -12.77 2.02 2.75
N PRO A 241 -13.56 3.03 3.19
CA PRO A 241 -12.98 4.22 3.82
C PRO A 241 -12.60 4.01 5.29
N LEU A 242 -11.45 3.39 5.53
CA LEU A 242 -10.97 3.14 6.88
C LEU A 242 -10.73 4.42 7.69
N ARG A 243 -11.43 4.56 8.81
CA ARG A 243 -11.09 5.62 9.73
C ARG A 243 -9.74 5.31 10.39
N LYS A 244 -8.97 6.36 10.66
CA LYS A 244 -7.67 6.20 11.27
C LYS A 244 -7.76 5.35 12.55
N ASP A 245 -8.66 5.74 13.44
CA ASP A 245 -8.74 5.07 14.75
C ASP A 245 -9.31 3.67 14.61
N TYR A 246 -10.04 3.41 13.54
CA TYR A 246 -10.59 2.09 13.34
C TYR A 246 -9.48 1.12 12.92
N THR A 247 -8.61 1.56 12.04
CA THR A 247 -7.46 0.75 11.65
C THR A 247 -6.56 0.47 12.85
N ARG A 248 -6.29 1.50 13.65
CA ARG A 248 -5.51 1.39 14.87
C ARG A 248 -6.13 0.35 15.81
N GLN A 249 -7.44 0.39 15.95
CA GLN A 249 -8.13 -0.55 16.84
C GLN A 249 -8.01 -1.98 16.32
N LEU A 250 -8.15 -2.16 15.01
CA LEU A 250 -8.03 -3.48 14.39
C LEU A 250 -6.67 -4.08 14.65
N LEU A 251 -5.64 -3.27 14.44
CA LEU A 251 -4.27 -3.73 14.67
C LEU A 251 -4.07 -4.14 16.14
N HIS A 252 -4.54 -3.31 17.07
CA HIS A 252 -4.51 -3.64 18.49
C HIS A 252 -5.24 -4.94 18.82
N GLU A 253 -6.36 -5.18 18.16
CA GLU A 253 -7.20 -6.32 18.53
C GLU A 253 -6.61 -7.67 18.07
N VAL A 254 -5.83 -7.69 16.99
CA VAL A 254 -5.27 -8.97 16.57
C VAL A 254 -3.94 -9.29 17.25
N GLY A 255 -3.46 -8.39 18.11
CA GLY A 255 -2.27 -8.65 18.91
C GLY A 255 -1.11 -7.67 18.88
N PHE A 256 -1.13 -6.67 18.01
CA PHE A 256 -0.01 -5.72 17.91
C PHE A 256 0.09 -4.83 19.15
N GLN A 257 1.28 -4.76 19.74
CA GLN A 257 1.43 -4.17 21.07
C GLN A 257 1.57 -2.64 21.06
N GLU A 258 2.12 -2.08 19.99
CA GLU A 258 2.46 -0.67 19.96
C GLU A 258 2.27 -0.11 18.57
N ILE A 259 1.44 0.92 18.44
CA ILE A 259 1.14 1.45 17.12
C ILE A 259 1.37 2.96 17.02
N ASN A 260 2.27 3.35 16.14
CA ASN A 260 2.46 4.76 15.86
C ASN A 260 1.93 5.12 14.48
N THR A 261 1.01 6.07 14.42
CA THR A 261 0.45 6.48 13.14
C THR A 261 1.04 7.83 12.73
N LEU A 262 1.66 7.85 11.56
CA LEU A 262 2.23 9.08 11.01
C LEU A 262 1.35 9.70 9.92
N GLY A 263 1.25 11.03 9.93
CA GLY A 263 0.63 11.77 8.86
C GLY A 263 1.62 11.86 7.70
N ASP A 264 1.12 11.65 6.49
CA ASP A 264 1.97 11.66 5.31
C ASP A 264 1.30 12.50 4.23
N PHE A 265 1.94 13.62 3.92
CA PHE A 265 1.49 14.54 2.89
C PHE A 265 2.11 14.13 1.56
N LYS A 266 1.33 13.45 0.73
CA LYS A 266 1.83 12.99 -0.56
C LYS A 266 1.40 13.91 -1.70
N GLU A 267 0.24 14.52 -1.57
CA GLU A 267 -0.34 15.24 -2.71
C GLU A 267 0.45 16.49 -3.12
N THR A 268 0.21 16.93 -4.34
CA THR A 268 0.95 18.03 -4.95
C THR A 268 0.60 19.37 -4.29
N TYR A 269 -0.67 19.55 -4.00
CA TYR A 269 -1.15 20.80 -3.38
C TYR A 269 -1.53 20.53 -1.95
N LYS A 270 -0.59 20.82 -1.05
CA LYS A 270 -0.71 20.45 0.36
C LYS A 270 -1.85 21.18 1.09
N GLU A 271 -2.54 20.44 1.95
CA GLU A 271 -3.62 20.99 2.75
C GLU A 271 -3.20 20.86 4.20
N ASP A 272 -4.02 21.39 5.10
CA ASP A 272 -3.76 21.26 6.53
C ASP A 272 -3.78 19.79 7.01
N GLU A 273 -4.58 18.95 6.36
CA GLU A 273 -4.64 17.53 6.73
C GLU A 273 -3.76 16.72 5.80
N PRO A 274 -3.08 15.69 6.35
CA PRO A 274 -2.36 14.77 5.48
C PRO A 274 -3.35 14.01 4.62
N ASP A 275 -2.98 13.63 3.40
CA ASP A 275 -3.89 12.82 2.60
C ASP A 275 -3.65 11.33 2.88
N PHE A 276 -2.55 11.00 3.55
CA PHE A 276 -2.27 9.61 3.90
C PHE A 276 -1.90 9.47 5.35
N PHE A 277 -2.07 8.26 5.87
CA PHE A 277 -1.57 7.90 7.18
C PHE A 277 -0.70 6.68 6.98
N LEU A 278 0.36 6.56 7.78
CA LEU A 278 1.19 5.37 7.80
C LEU A 278 1.16 4.78 9.20
N HIS A 279 0.71 3.54 9.32
CA HIS A 279 0.69 2.87 10.61
C HIS A 279 1.98 2.07 10.76
N VAL A 280 2.67 2.31 11.87
CA VAL A 280 3.87 1.58 12.22
C VAL A 280 3.53 0.73 13.43
N ALA A 281 3.21 -0.53 13.19
CA ALA A 281 2.72 -1.39 14.26
C ALA A 281 3.76 -2.43 14.67
N GLU A 282 4.25 -2.32 15.88
CA GLU A 282 5.24 -3.26 16.41
C GLU A 282 4.56 -4.45 17.03
N LYS A 283 4.99 -5.65 16.62
CA LYS A 283 4.51 -6.88 17.22
C LYS A 283 4.89 -6.86 18.71
N ASN A 284 6.02 -6.22 19.01
CA ASN A 284 6.42 -5.87 20.38
C ASN A 284 7.26 -4.60 20.44
N SAM B . 2.01 -1.42 -3.09
CA SAM B . 2.00 -1.10 -4.55
C SAM B . 2.29 0.38 -4.80
O SAM B . 2.62 0.73 -5.95
OXT SAM B . 2.21 1.21 -3.88
CB SAM B . 0.69 -1.48 -5.25
CG SAM B . -0.56 -1.44 -4.39
SD SAM B . -2.10 -1.89 -5.24
CE SAM B . -3.13 -0.49 -4.71
C5' SAM B . -2.79 -3.19 -4.17
C4' SAM B . -2.42 -4.64 -4.47
O4' SAM B . -2.96 -5.47 -3.47
C3' SAM B . -2.94 -5.17 -5.80
O3' SAM B . -1.83 -5.57 -6.58
C2' SAM B . -3.80 -6.38 -5.47
O2' SAM B . -3.54 -7.47 -6.34
C1' SAM B . -3.39 -6.70 -4.03
N9 SAM B . -4.47 -7.29 -3.20
C8 SAM B . -5.72 -6.78 -2.96
N7 SAM B . -6.37 -7.63 -2.13
C5 SAM B . -5.56 -8.68 -1.85
C6 SAM B . -5.70 -9.82 -1.07
N6 SAM B . -6.84 -10.06 -0.43
N1 SAM B . -4.66 -10.72 -0.97
C2 SAM B . -3.48 -10.50 -1.64
N3 SAM B . -3.33 -9.37 -2.41
C4 SAM B . -4.35 -8.47 -2.51
C1 EDO C . 7.20 1.43 -14.41
O1 EDO C . 7.30 1.44 -15.79
C2 EDO C . 8.42 0.75 -13.88
O2 EDO C . 9.53 1.51 -14.20
C1 EDO D . 8.62 1.86 0.08
O1 EDO D . 8.52 2.29 -1.24
C2 EDO D . 10.04 1.82 0.50
O2 EDO D . 10.55 3.10 0.49
C1 EDO E . 12.94 3.49 -8.02
O1 EDO E . 13.69 4.00 -6.98
C2 EDO E . 13.54 3.95 -9.31
O2 EDO E . 14.77 3.36 -9.45
C1 EDO F . -7.27 12.26 0.41
O1 EDO F . -6.78 10.96 0.34
C2 EDO F . -8.08 12.39 1.65
O2 EDO F . -7.41 13.17 2.58
#